data_3OLH
#
_entry.id   3OLH
#
_cell.length_a   171.314
_cell.length_b   171.314
_cell.length_c   75.764
_cell.angle_alpha   90.00
_cell.angle_beta   90.00
_cell.angle_gamma   120.00
#
_symmetry.space_group_name_H-M   'H 3 2'
#
loop_
_entity.id
_entity.type
_entity.pdbx_description
1 polymer '3-mercaptopyruvate sulfurtransferase'
2 non-polymer 'SULFATE ION'
3 non-polymer 'SODIUM ION'
4 water water
#
_entity_poly.entity_id   1
_entity_poly.type   'polypeptide(L)'
_entity_poly.pdbx_seq_one_letter_code
;MHHHHHHSSGVDLGTENLYFQSMVSAQWVAEALRAPRAGQPLQLLDASWYLPKLGRDARREFEERHIPGAAFFDIDQCSD
RTSPYDHMLPGAEHFAEYAGRLGVGAATHVVIYDASDQGLYSAPRVWWMFRAFGHHAVSLLDGGLRHWLRQNLPLSSGKS
QPAPAEFRAQLDPAFIKTYEDIKENLESRRFQVVDSRATGRFRGTEPEPRDGIEPGHIPGTVNIPFTDFLSQEGLEKSPE
EIRHLFQEKKVDLSKPLVATCGSGVTACHVALGAYLCGKPDVPIYDGSWVEWYMRARPEDVI
;
_entity_poly.pdbx_strand_id   A
#
loop_
_chem_comp.id
_chem_comp.type
_chem_comp.name
_chem_comp.formula
NA non-polymer 'SODIUM ION' 'Na 1'
SO4 non-polymer 'SULFATE ION' 'O4 S -2'
#
# COMPACT_ATOMS: atom_id res chain seq x y z
N PHE A 20 9.19 -9.15 10.87
CA PHE A 20 10.58 -8.81 10.57
C PHE A 20 10.86 -8.74 9.05
N GLN A 21 11.88 -7.93 8.67
CA GLN A 21 12.39 -7.68 7.31
C GLN A 21 11.26 -7.43 6.28
N SER A 22 10.75 -6.19 6.24
CA SER A 22 9.67 -5.78 5.34
C SER A 22 10.12 -4.86 4.21
N MET A 23 11.29 -4.19 4.35
CA MET A 23 11.77 -3.29 3.31
C MET A 23 13.17 -3.69 2.83
N VAL A 24 13.42 -3.53 1.51
CA VAL A 24 14.68 -3.81 0.81
C VAL A 24 15.15 -2.53 0.08
N SER A 25 16.47 -2.32 0.06
CA SER A 25 17.09 -1.14 -0.54
C SER A 25 17.29 -1.30 -2.06
N ALA A 26 17.70 -0.19 -2.73
CA ALA A 26 18.00 -0.16 -4.17
C ALA A 26 19.22 -1.04 -4.53
N GLN A 27 20.13 -1.25 -3.55
CA GLN A 27 21.33 -2.06 -3.77
C GLN A 27 21.08 -3.56 -3.50
N TRP A 28 20.24 -3.90 -2.50
CA TRP A 28 19.88 -5.27 -2.12
C TRP A 28 19.34 -6.05 -3.35
N VAL A 29 18.37 -5.45 -4.07
CA VAL A 29 17.66 -6.01 -5.23
C VAL A 29 18.62 -6.28 -6.42
N ALA A 30 19.64 -5.42 -6.62
CA ALA A 30 20.64 -5.56 -7.68
C ALA A 30 21.46 -6.84 -7.50
N GLU A 31 21.78 -7.19 -6.24
CA GLU A 31 22.56 -8.36 -5.86
C GLU A 31 21.70 -9.65 -5.95
N ALA A 32 20.53 -9.68 -5.28
CA ALA A 32 19.59 -10.82 -5.22
C ALA A 32 19.13 -11.33 -6.61
N LEU A 33 19.17 -10.51 -7.64
CA LEU A 33 18.88 -10.93 -9.00
C LEU A 33 20.06 -11.69 -9.66
N ARG A 34 21.25 -11.13 -9.59
CA ARG A 34 22.44 -11.84 -10.00
C ARG A 34 22.83 -13.03 -9.11
N ALA A 35 22.30 -13.10 -7.88
CA ALA A 35 22.28 -14.37 -7.17
C ALA A 35 21.62 -15.07 -8.30
N PRO A 36 20.75 -16.06 -8.08
CA PRO A 36 19.77 -16.21 -7.00
C PRO A 36 20.13 -17.02 -5.78
N ARG A 37 19.38 -18.10 -5.55
CA ARG A 37 19.46 -18.96 -4.37
C ARG A 37 18.58 -20.04 -4.90
N ALA A 38 18.37 -21.10 -4.13
CA ALA A 38 17.74 -22.34 -4.58
C ALA A 38 16.61 -22.58 -3.58
N GLY A 39 15.39 -22.44 -4.06
CA GLY A 39 14.21 -22.67 -3.26
C GLY A 39 13.76 -21.43 -2.54
N GLN A 40 14.07 -20.29 -3.14
CA GLN A 40 13.87 -18.98 -2.58
C GLN A 40 13.96 -17.94 -3.69
N PRO A 41 13.00 -17.95 -4.59
CA PRO A 41 13.03 -17.12 -5.80
C PRO A 41 12.63 -15.68 -5.55
N LEU A 42 13.00 -14.79 -6.45
CA LEU A 42 12.61 -13.38 -6.36
C LEU A 42 11.60 -13.02 -7.45
N GLN A 43 10.78 -11.97 -7.23
CA GLN A 43 9.82 -11.45 -8.22
C GLN A 43 9.50 -9.97 -7.95
N LEU A 44 10.06 -9.08 -8.80
CA LEU A 44 9.88 -7.64 -8.77
C LEU A 44 8.50 -7.27 -9.31
N LEU A 45 7.87 -6.23 -8.74
CA LEU A 45 6.54 -5.78 -9.15
C LEU A 45 6.44 -4.26 -9.25
N ASP A 46 5.83 -3.74 -10.36
CA ASP A 46 5.57 -2.30 -10.52
C ASP A 46 4.10 -2.06 -10.22
N ALA A 47 3.79 -1.75 -8.96
CA ALA A 47 2.43 -1.49 -8.52
C ALA A 47 2.14 -0.01 -8.55
N SER A 48 2.47 0.64 -9.69
CA SER A 48 2.18 2.04 -9.90
C SER A 48 0.67 2.19 -10.15
N TRP A 49 0.09 3.16 -9.46
CA TRP A 49 -1.33 3.51 -9.53
C TRP A 49 -1.45 4.98 -9.25
N TYR A 50 -2.14 5.70 -10.12
CA TYR A 50 -2.33 7.12 -9.95
C TYR A 50 -3.79 7.53 -10.00
N LEU A 51 -4.10 8.71 -9.44
CA LEU A 51 -5.41 9.32 -9.56
C LEU A 51 -5.45 9.97 -10.96
N PRO A 52 -6.60 9.95 -11.67
CA PRO A 52 -6.64 10.51 -13.05
C PRO A 52 -6.02 11.93 -13.00
N LYS A 53 -4.80 12.06 -13.59
CA LYS A 53 -4.04 13.30 -13.65
C LYS A 53 -2.87 13.15 -14.64
N ARG A 56 -1.47 10.39 -16.38
CA ARG A 56 -0.44 9.38 -16.13
C ARG A 56 -0.97 7.97 -16.36
N ASP A 57 -0.27 7.17 -17.21
CA ASP A 57 -0.64 5.79 -17.50
C ASP A 57 0.45 4.88 -16.96
N ALA A 58 0.16 4.24 -15.81
CA ALA A 58 1.06 3.35 -15.08
C ALA A 58 1.51 2.13 -15.89
N ARG A 59 0.64 1.56 -16.75
CA ARG A 59 0.98 0.39 -17.57
C ARG A 59 1.81 0.77 -18.82
N ARG A 60 1.52 1.93 -19.46
CA ARG A 60 2.27 2.39 -20.64
C ARG A 60 3.65 2.88 -20.24
N GLU A 61 3.74 3.55 -19.07
CA GLU A 61 4.97 4.05 -18.47
C GLU A 61 5.91 2.91 -18.09
N PHE A 62 5.32 1.78 -17.65
CA PHE A 62 6.04 0.55 -17.28
C PHE A 62 6.75 0.00 -18.52
N GLU A 63 6.01 -0.10 -19.64
CA GLU A 63 6.47 -0.64 -20.91
C GLU A 63 7.57 0.23 -21.53
N GLU A 64 7.55 1.54 -21.21
CA GLU A 64 8.55 2.52 -21.62
C GLU A 64 9.84 2.34 -20.79
N ARG A 65 9.70 2.36 -19.43
CA ARG A 65 10.82 2.24 -18.47
C ARG A 65 10.43 1.42 -17.24
N HIS A 66 11.16 0.32 -16.95
CA HIS A 66 10.93 -0.50 -15.75
C HIS A 66 12.24 -1.23 -15.31
N ILE A 67 12.22 -1.85 -14.10
CA ILE A 67 13.36 -2.57 -13.50
C ILE A 67 13.42 -4.02 -14.06
N PRO A 68 14.62 -4.52 -14.48
CA PRO A 68 14.70 -5.87 -15.07
C PRO A 68 14.04 -6.95 -14.22
N GLY A 69 13.16 -7.72 -14.87
CA GLY A 69 12.41 -8.80 -14.23
C GLY A 69 11.06 -8.37 -13.69
N ALA A 70 10.84 -7.06 -13.51
CA ALA A 70 9.59 -6.52 -12.96
C ALA A 70 8.39 -6.75 -13.89
N ALA A 71 7.29 -7.20 -13.28
CA ALA A 71 5.99 -7.42 -13.89
C ALA A 71 5.07 -6.37 -13.33
N PHE A 72 4.14 -5.84 -14.14
CA PHE A 72 3.24 -4.79 -13.68
C PHE A 72 2.09 -5.35 -12.85
N PHE A 73 1.94 -4.86 -11.61
CA PHE A 73 0.84 -5.22 -10.73
C PHE A 73 -0.26 -4.16 -10.85
N ASP A 74 -1.40 -4.53 -11.45
CA ASP A 74 -2.52 -3.62 -11.60
C ASP A 74 -3.46 -3.66 -10.37
N ILE A 75 -3.37 -2.62 -9.53
CA ILE A 75 -4.13 -2.43 -8.29
C ILE A 75 -5.67 -2.45 -8.54
N ASP A 76 -6.17 -1.82 -9.63
CA ASP A 76 -7.59 -1.82 -9.94
C ASP A 76 -8.05 -3.15 -10.61
N GLN A 77 -7.12 -3.88 -11.25
CA GLN A 77 -7.43 -5.17 -11.88
C GLN A 77 -7.52 -6.28 -10.81
N CYS A 78 -6.50 -6.38 -9.92
CA CYS A 78 -6.46 -7.35 -8.82
C CYS A 78 -7.29 -6.79 -7.62
N SER A 79 -8.62 -6.75 -7.82
CA SER A 79 -9.60 -6.16 -6.92
C SER A 79 -10.90 -6.94 -6.91
N ASP A 80 -11.81 -6.62 -5.95
CA ASP A 80 -13.13 -7.22 -5.85
C ASP A 80 -13.91 -6.87 -7.11
N ARG A 81 -14.42 -7.89 -7.83
CA ARG A 81 -15.11 -7.78 -9.11
C ARG A 81 -16.60 -7.40 -9.02
N THR A 82 -17.18 -7.34 -7.81
CA THR A 82 -18.61 -7.05 -7.66
C THR A 82 -18.89 -5.63 -7.06
N SER A 83 -18.01 -5.15 -6.19
CA SER A 83 -18.16 -3.84 -5.51
C SER A 83 -18.22 -2.63 -6.47
N PRO A 84 -19.05 -1.58 -6.18
CA PRO A 84 -19.01 -0.37 -7.02
C PRO A 84 -17.79 0.51 -6.70
N TYR A 85 -17.03 0.13 -5.64
CA TYR A 85 -15.81 0.81 -5.22
C TYR A 85 -14.60 0.18 -5.86
N ASP A 86 -13.62 1.01 -6.22
CA ASP A 86 -12.40 0.60 -6.89
C ASP A 86 -11.36 0.15 -5.89
N HIS A 87 -10.48 -0.79 -6.31
CA HIS A 87 -9.40 -1.43 -5.57
C HIS A 87 -9.82 -1.78 -4.12
N MET A 88 -10.94 -2.54 -4.01
CA MET A 88 -11.39 -3.20 -2.78
C MET A 88 -10.62 -4.50 -2.76
N LEU A 89 -10.23 -5.04 -1.59
CA LEU A 89 -9.50 -6.33 -1.56
C LEU A 89 -10.25 -7.41 -2.34
N PRO A 90 -9.58 -8.18 -3.23
CA PRO A 90 -10.31 -9.23 -3.97
C PRO A 90 -10.60 -10.46 -3.10
N GLY A 91 -11.25 -11.45 -3.72
CA GLY A 91 -11.50 -12.73 -3.08
C GLY A 91 -10.20 -13.53 -3.07
N ALA A 92 -10.13 -14.57 -2.21
CA ALA A 92 -8.95 -15.43 -2.07
C ALA A 92 -8.58 -16.13 -3.39
N GLU A 93 -9.57 -16.72 -4.10
CA GLU A 93 -9.35 -17.43 -5.37
C GLU A 93 -8.82 -16.47 -6.47
N HIS A 94 -9.36 -15.23 -6.52
CA HIS A 94 -8.96 -14.21 -7.50
C HIS A 94 -7.49 -13.77 -7.28
N PHE A 95 -7.09 -13.49 -6.02
CA PHE A 95 -5.72 -13.08 -5.72
C PHE A 95 -4.73 -14.20 -6.01
N ALA A 96 -5.13 -15.46 -5.78
CA ALA A 96 -4.29 -16.63 -6.04
C ALA A 96 -4.00 -16.73 -7.55
N GLU A 97 -5.06 -16.61 -8.39
CA GLU A 97 -4.96 -16.63 -9.84
C GLU A 97 -4.13 -15.44 -10.35
N TYR A 98 -4.29 -14.25 -9.73
CA TYR A 98 -3.56 -13.05 -10.14
C TYR A 98 -2.08 -13.14 -9.78
N ALA A 99 -1.75 -13.32 -8.49
CA ALA A 99 -0.37 -13.41 -8.00
C ALA A 99 0.37 -14.58 -8.66
N GLY A 100 -0.32 -15.71 -8.85
CA GLY A 100 0.21 -16.90 -9.52
C GLY A 100 0.68 -16.57 -10.92
N ARG A 101 -0.25 -16.11 -11.78
CA ARG A 101 0.03 -15.73 -13.17
C ARG A 101 1.09 -14.61 -13.30
N LEU A 102 1.45 -13.95 -12.17
CA LEU A 102 2.42 -12.86 -12.10
C LEU A 102 3.83 -13.34 -11.68
N GLY A 103 3.96 -14.64 -11.44
CA GLY A 103 5.22 -15.26 -11.04
C GLY A 103 5.43 -15.33 -9.54
N VAL A 104 4.37 -15.65 -8.76
CA VAL A 104 4.45 -15.77 -7.30
C VAL A 104 3.91 -17.16 -6.89
N GLY A 105 4.75 -17.88 -6.14
CA GLY A 105 4.45 -19.20 -5.59
C GLY A 105 4.70 -19.25 -4.09
N ALA A 106 4.85 -20.47 -3.55
CA ALA A 106 5.06 -20.70 -2.12
C ALA A 106 6.38 -20.10 -1.60
N ALA A 107 7.51 -20.34 -2.32
CA ALA A 107 8.87 -19.94 -1.91
C ALA A 107 9.33 -18.59 -2.50
N THR A 108 8.46 -17.90 -3.25
CA THR A 108 8.78 -16.62 -3.91
C THR A 108 8.94 -15.47 -2.89
N HIS A 109 9.89 -14.57 -3.18
CA HIS A 109 10.14 -13.36 -2.39
C HIS A 109 9.83 -12.13 -3.27
N VAL A 110 8.64 -11.54 -3.03
CA VAL A 110 8.10 -10.41 -3.77
C VAL A 110 8.74 -9.09 -3.30
N VAL A 111 9.10 -8.20 -4.25
CA VAL A 111 9.64 -6.87 -4.00
C VAL A 111 8.79 -5.89 -4.83
N ILE A 112 8.06 -5.00 -4.15
CA ILE A 112 7.17 -4.06 -4.84
C ILE A 112 7.76 -2.63 -4.84
N TYR A 113 7.65 -1.95 -6.00
CA TYR A 113 8.06 -0.56 -6.26
C TYR A 113 6.98 0.15 -7.08
N ASP A 114 7.15 1.47 -7.31
CA ASP A 114 6.28 2.31 -8.14
C ASP A 114 7.07 3.55 -8.62
N ALA A 115 6.70 4.07 -9.82
CA ALA A 115 7.33 5.24 -10.44
C ALA A 115 6.72 6.56 -9.96
N SER A 116 6.23 6.60 -8.71
CA SER A 116 5.60 7.76 -8.11
C SER A 116 6.62 8.86 -7.81
N ASP A 117 6.13 10.11 -7.79
CA ASP A 117 6.92 11.32 -7.50
C ASP A 117 7.37 11.36 -6.04
N GLN A 118 6.60 10.72 -5.14
CA GLN A 118 6.87 10.62 -3.70
C GLN A 118 7.92 9.53 -3.38
N GLY A 119 8.15 8.61 -4.32
CA GLY A 119 9.10 7.50 -4.17
C GLY A 119 8.36 6.19 -4.03
N LEU A 120 7.46 6.16 -3.06
CA LEU A 120 6.53 5.07 -2.76
C LEU A 120 5.16 5.70 -2.53
N TYR A 121 4.09 5.08 -3.03
CA TYR A 121 2.73 5.63 -2.92
C TYR A 121 1.69 4.50 -2.89
N SER A 122 1.62 3.73 -3.99
CA SER A 122 0.70 2.62 -4.15
C SER A 122 1.37 1.28 -3.83
N ALA A 123 2.71 1.22 -3.84
CA ALA A 123 3.48 0.01 -3.52
C ALA A 123 3.14 -0.59 -2.11
N PRO A 124 3.05 0.20 -0.98
CA PRO A 124 2.71 -0.45 0.31
C PRO A 124 1.34 -1.14 0.34
N ARG A 125 0.37 -0.69 -0.52
CA ARG A 125 -0.95 -1.29 -0.62
C ARG A 125 -0.82 -2.77 -1.00
N VAL A 126 0.04 -3.07 -1.97
CA VAL A 126 0.29 -4.42 -2.49
C VAL A 126 1.13 -5.22 -1.47
N TRP A 127 2.06 -4.57 -0.77
CA TRP A 127 2.82 -5.20 0.33
C TRP A 127 1.87 -5.75 1.37
N TRP A 128 0.86 -4.94 1.73
CA TRP A 128 -0.17 -5.24 2.71
C TRP A 128 -1.09 -6.36 2.24
N MET A 129 -1.37 -6.40 0.93
CA MET A 129 -2.25 -7.38 0.30
C MET A 129 -1.70 -8.81 0.37
N PHE A 130 -0.40 -9.00 0.08
CA PHE A 130 0.23 -10.32 0.14
C PHE A 130 0.26 -10.85 1.58
N ARG A 131 0.49 -9.94 2.54
CA ARG A 131 0.53 -10.23 3.99
C ARG A 131 -0.82 -10.73 4.48
N ALA A 132 -1.91 -10.07 4.03
CA ALA A 132 -3.30 -10.35 4.38
C ALA A 132 -3.80 -11.69 3.87
N PHE A 133 -3.30 -12.13 2.70
CA PHE A 133 -3.73 -13.39 2.06
C PHE A 133 -2.86 -14.61 2.50
N GLY A 134 -1.90 -14.37 3.39
CA GLY A 134 -1.04 -15.43 3.94
C GLY A 134 0.39 -15.53 3.45
N HIS A 135 0.78 -14.70 2.46
CA HIS A 135 2.15 -14.73 1.92
C HIS A 135 2.96 -13.60 2.54
N HIS A 136 3.63 -13.90 3.66
CA HIS A 136 4.42 -12.92 4.40
C HIS A 136 5.82 -12.70 3.80
N ALA A 137 6.24 -13.55 2.84
CA ALA A 137 7.52 -13.41 2.13
C ALA A 137 7.37 -12.31 1.04
N VAL A 138 7.10 -11.07 1.50
CA VAL A 138 6.87 -9.88 0.68
C VAL A 138 7.65 -8.67 1.28
N SER A 139 8.38 -7.92 0.41
CA SER A 139 9.18 -6.77 0.80
C SER A 139 8.89 -5.57 -0.11
N LEU A 140 9.42 -4.37 0.22
CA LEU A 140 9.20 -3.14 -0.54
C LEU A 140 10.50 -2.46 -0.93
N LEU A 141 10.54 -1.87 -2.15
CA LEU A 141 11.75 -1.18 -2.62
C LEU A 141 11.76 0.29 -2.18
N ASP A 142 12.78 0.64 -1.37
CA ASP A 142 12.99 1.99 -0.85
C ASP A 142 13.32 3.00 -1.94
N GLY A 143 12.51 4.05 -2.01
CA GLY A 143 12.64 5.12 -3.00
C GLY A 143 11.94 4.83 -4.31
N GLY A 144 11.58 3.56 -4.52
CA GLY A 144 10.93 3.06 -5.73
C GLY A 144 11.75 3.26 -6.97
N LEU A 145 11.10 3.75 -8.06
CA LEU A 145 11.79 4.02 -9.32
C LEU A 145 12.48 5.38 -9.26
N ARG A 146 11.92 6.35 -8.51
CA ARG A 146 12.46 7.71 -8.30
C ARG A 146 13.94 7.64 -7.90
N HIS A 147 14.27 6.67 -7.03
CA HIS A 147 15.61 6.47 -6.54
C HIS A 147 16.34 5.35 -7.29
N TRP A 148 15.62 4.55 -8.11
CA TRP A 148 16.26 3.55 -8.98
C TRP A 148 16.85 4.30 -10.19
N LEU A 149 16.66 5.63 -10.23
CA LEU A 149 17.21 6.55 -11.22
C LEU A 149 18.53 7.15 -10.69
N ARG A 150 18.48 7.83 -9.51
CA ARG A 150 19.64 8.45 -8.86
C ARG A 150 20.74 7.42 -8.62
N GLN A 151 20.35 6.20 -8.18
CA GLN A 151 21.24 5.08 -7.93
C GLN A 151 21.20 4.12 -9.13
N ASN A 152 22.13 4.33 -10.09
CA ASN A 152 22.34 3.57 -11.33
C ASN A 152 21.10 3.52 -12.25
N LEU A 153 21.15 2.66 -13.29
CA LEU A 153 20.06 2.47 -14.26
C LEU A 153 20.03 1.02 -14.81
N PRO A 154 19.91 -0.04 -13.97
CA PRO A 154 19.84 -1.40 -14.52
C PRO A 154 18.46 -1.70 -15.10
N SER A 156 15.03 -0.77 -18.23
CA SER A 156 14.54 -1.79 -19.16
C SER A 156 13.21 -1.39 -19.84
N SER A 157 12.86 -2.09 -20.93
CA SER A 157 11.63 -1.92 -21.72
C SER A 157 10.88 -3.27 -21.82
N GLY A 158 9.76 -3.16 -22.49
CA GLY A 158 8.99 -4.29 -22.85
C GLY A 158 7.74 -4.38 -22.08
N LYS A 159 7.25 -5.61 -22.07
CA LYS A 159 6.07 -6.02 -21.41
C LYS A 159 6.62 -6.96 -20.39
N SER A 160 5.92 -8.04 -20.04
CA SER A 160 6.50 -9.04 -19.14
C SER A 160 5.76 -10.35 -18.94
N GLN A 161 6.53 -11.39 -18.62
CA GLN A 161 6.27 -12.74 -19.06
C GLN A 161 6.42 -13.91 -18.08
N PRO A 162 6.63 -13.63 -16.82
CA PRO A 162 6.84 -14.63 -15.79
C PRO A 162 5.88 -15.80 -15.93
N ALA A 163 6.27 -16.97 -15.46
CA ALA A 163 5.40 -18.11 -15.49
C ALA A 163 4.81 -18.30 -14.11
N PRO A 164 3.85 -19.20 -14.03
CA PRO A 164 2.88 -19.27 -12.95
C PRO A 164 3.27 -19.63 -11.51
N ALA A 165 2.42 -20.45 -10.94
CA ALA A 165 2.06 -20.30 -9.58
C ALA A 165 1.87 -21.50 -8.73
N GLU A 166 0.74 -22.13 -8.90
CA GLU A 166 0.17 -22.92 -7.85
C GLU A 166 0.26 -22.08 -6.56
N PHE A 167 -0.38 -20.91 -6.58
CA PHE A 167 -0.47 -20.01 -5.44
C PHE A 167 -1.70 -20.33 -4.71
N ARG A 168 -1.54 -20.37 -3.40
CA ARG A 168 -2.63 -20.60 -2.46
C ARG A 168 -2.89 -19.33 -1.66
N ALA A 169 -4.17 -18.98 -1.48
CA ALA A 169 -4.54 -17.78 -0.73
C ALA A 169 -5.61 -18.04 0.32
N GLN A 170 -5.35 -17.57 1.53
CA GLN A 170 -6.25 -17.65 2.67
C GLN A 170 -6.25 -16.28 3.35
N LEU A 171 -7.30 -15.49 3.07
CA LEU A 171 -7.42 -14.13 3.61
C LEU A 171 -7.76 -14.13 5.09
N ASP A 172 -6.93 -13.41 5.87
CA ASP A 172 -7.12 -13.16 7.29
C ASP A 172 -7.91 -11.84 7.42
N PRO A 173 -9.22 -11.92 7.78
CA PRO A 173 -10.02 -10.68 7.89
C PRO A 173 -9.56 -9.68 8.96
N ALA A 174 -8.58 -10.04 9.81
CA ALA A 174 -8.01 -9.17 10.86
C ALA A 174 -7.20 -7.99 10.27
N PHE A 175 -6.88 -8.05 8.97
CA PHE A 175 -6.15 -7.02 8.24
C PHE A 175 -7.07 -5.90 7.73
N ILE A 176 -8.39 -6.15 7.71
CA ILE A 176 -9.36 -5.21 7.16
C ILE A 176 -10.43 -4.84 8.19
N LYS A 177 -10.83 -3.55 8.16
CA LYS A 177 -11.92 -2.95 8.93
C LYS A 177 -12.98 -2.50 7.94
N THR A 178 -14.23 -2.70 8.31
CA THR A 178 -15.40 -2.38 7.49
C THR A 178 -16.03 -1.06 7.98
N TYR A 179 -17.02 -0.56 7.19
CA TYR A 179 -17.78 0.64 7.52
C TYR A 179 -18.37 0.50 8.93
N GLU A 180 -18.94 -0.68 9.26
CA GLU A 180 -19.55 -0.98 10.56
C GLU A 180 -18.55 -0.93 11.71
N ASP A 181 -17.31 -1.40 11.48
CA ASP A 181 -16.27 -1.38 12.51
C ASP A 181 -15.90 0.07 12.86
N ILE A 182 -15.73 0.93 11.84
CA ILE A 182 -15.38 2.34 12.00
C ILE A 182 -16.52 3.07 12.71
N LYS A 183 -17.77 2.79 12.27
CA LYS A 183 -19.03 3.35 12.80
C LYS A 183 -19.19 3.02 14.28
N GLU A 184 -19.02 1.74 14.65
CA GLU A 184 -19.15 1.25 16.03
C GLU A 184 -17.98 1.70 16.91
N ASN A 185 -16.80 2.00 16.31
CA ASN A 185 -15.62 2.48 17.05
C ASN A 185 -15.85 3.90 17.55
N LEU A 186 -16.75 4.65 16.90
CA LEU A 186 -17.11 6.01 17.26
C LEU A 186 -17.66 6.03 18.67
N GLU A 187 -18.21 4.89 19.11
CA GLU A 187 -18.76 4.71 20.45
C GLU A 187 -17.74 3.98 21.35
N SER A 188 -17.27 2.78 20.93
CA SER A 188 -16.36 1.93 21.72
C SER A 188 -14.97 2.51 21.93
N ARG A 189 -14.40 3.20 20.92
CA ARG A 189 -13.04 3.79 20.93
C ARG A 189 -11.96 2.70 21.16
N ARG A 190 -12.21 1.45 20.70
CA ARG A 190 -11.29 0.32 20.92
C ARG A 190 -9.98 0.46 20.10
N PHE A 191 -9.98 1.26 19.02
CA PHE A 191 -8.77 1.50 18.23
C PHE A 191 -8.65 2.97 17.77
N GLN A 192 -7.39 3.42 17.63
CA GLN A 192 -7.01 4.73 17.11
C GLN A 192 -7.13 4.70 15.59
N VAL A 193 -7.56 5.79 14.96
CA VAL A 193 -7.70 5.82 13.51
C VAL A 193 -6.83 6.96 12.94
N VAL A 194 -5.86 6.63 12.05
CA VAL A 194 -4.99 7.58 11.37
C VAL A 194 -5.37 7.66 9.90
N ASP A 195 -5.62 8.89 9.43
CA ASP A 195 -5.97 9.19 8.03
C ASP A 195 -4.73 9.76 7.35
N SER A 196 -4.27 9.12 6.27
CA SER A 196 -3.06 9.50 5.53
C SER A 196 -3.30 10.45 4.35
N ARG A 197 -4.53 11.01 4.20
CA ARG A 197 -4.81 11.98 3.13
C ARG A 197 -4.07 13.32 3.39
N ALA A 198 -3.93 14.16 2.32
CA ALA A 198 -3.34 15.50 2.44
C ALA A 198 -4.20 16.33 3.41
N THR A 199 -3.58 17.26 4.15
CA THR A 199 -4.26 18.07 5.20
C THR A 199 -5.53 18.73 4.66
N GLY A 200 -5.44 19.39 3.49
CA GLY A 200 -6.55 20.06 2.83
C GLY A 200 -7.81 19.22 2.67
N ARG A 201 -7.64 18.00 2.16
CA ARG A 201 -8.70 17.00 1.97
C ARG A 201 -9.31 16.61 3.33
N PHE A 202 -8.47 16.31 4.34
CA PHE A 202 -8.89 15.95 5.70
C PHE A 202 -9.61 17.11 6.38
N ARG A 203 -9.14 18.36 6.23
CA ARG A 203 -9.75 19.55 6.83
C ARG A 203 -11.05 19.96 6.11
N GLY A 204 -11.18 19.59 4.85
CA GLY A 204 -12.33 19.92 4.02
C GLY A 204 -12.14 21.19 3.25
N THR A 205 -10.88 21.61 3.03
CA THR A 205 -10.55 22.86 2.37
C THR A 205 -10.06 22.62 0.92
N GLU A 206 -9.70 21.37 0.59
CA GLU A 206 -9.26 20.97 -0.74
C GLU A 206 -10.20 19.90 -1.26
N PRO A 207 -10.58 19.91 -2.55
CA PRO A 207 -11.54 18.91 -3.05
C PRO A 207 -11.06 17.44 -3.00
N GLU A 208 -12.01 16.52 -3.14
CA GLU A 208 -11.75 15.08 -3.23
C GLU A 208 -11.59 14.75 -4.72
N PRO A 209 -10.72 13.78 -5.10
CA PRO A 209 -10.50 13.51 -6.54
C PRO A 209 -11.62 12.75 -7.24
N ARG A 210 -12.70 12.42 -6.52
CA ARG A 210 -13.82 11.67 -7.08
C ARG A 210 -15.04 12.55 -7.22
N ASP A 211 -15.69 12.46 -8.39
CA ASP A 211 -16.91 13.19 -8.76
C ASP A 211 -18.04 13.00 -7.72
N GLY A 212 -18.54 14.09 -7.16
CA GLY A 212 -19.62 14.08 -6.20
C GLY A 212 -19.26 13.84 -4.75
N ILE A 213 -18.01 13.46 -4.48
CA ILE A 213 -17.49 13.20 -3.13
C ILE A 213 -16.97 14.51 -2.56
N GLU A 214 -17.39 14.82 -1.36
CA GLU A 214 -16.99 16.05 -0.71
C GLU A 214 -15.79 15.76 0.23
N PRO A 215 -14.86 16.73 0.46
CA PRO A 215 -13.74 16.43 1.40
C PRO A 215 -14.23 16.39 2.86
N GLY A 216 -13.29 16.33 3.81
CA GLY A 216 -13.61 16.27 5.23
C GLY A 216 -13.10 14.99 5.84
N HIS A 217 -13.32 14.77 7.13
CA HIS A 217 -12.79 13.58 7.79
C HIS A 217 -13.81 12.87 8.71
N ILE A 218 -13.48 11.64 9.14
CA ILE A 218 -14.28 10.83 10.08
C ILE A 218 -14.07 11.41 11.48
N PRO A 219 -15.14 11.66 12.29
CA PRO A 219 -14.93 12.21 13.64
C PRO A 219 -13.96 11.39 14.51
N GLY A 220 -13.11 12.08 15.25
CA GLY A 220 -12.14 11.48 16.17
C GLY A 220 -10.95 10.78 15.53
N THR A 221 -10.66 11.09 14.26
CA THR A 221 -9.50 10.50 13.59
C THR A 221 -8.36 11.53 13.61
N VAL A 222 -7.13 11.04 13.42
CA VAL A 222 -5.91 11.83 13.45
C VAL A 222 -5.37 11.94 12.04
N ASN A 223 -5.01 13.15 11.61
CA ASN A 223 -4.41 13.35 10.30
C ASN A 223 -2.88 13.19 10.37
N ILE A 224 -2.37 12.17 9.70
CA ILE A 224 -0.94 11.95 9.56
C ILE A 224 -0.75 11.67 8.06
N PRO A 225 -0.64 12.74 7.22
CA PRO A 225 -0.51 12.54 5.77
C PRO A 225 0.64 11.59 5.46
N PHE A 226 0.47 10.71 4.44
CA PHE A 226 1.43 9.68 4.06
C PHE A 226 2.82 10.26 3.72
N THR A 227 2.88 11.53 3.25
CA THR A 227 4.10 12.25 2.88
C THR A 227 5.01 12.50 4.12
N ASP A 228 4.42 12.59 5.34
CA ASP A 228 5.14 12.80 6.60
C ASP A 228 6.06 11.58 6.94
N PHE A 229 5.81 10.43 6.31
CA PHE A 229 6.60 9.22 6.53
C PHE A 229 7.84 9.15 5.65
N LEU A 230 7.95 10.05 4.66
CA LEU A 230 9.04 10.02 3.71
C LEU A 230 9.89 11.28 3.70
N SER A 231 11.15 11.12 3.26
CA SER A 231 12.13 12.18 3.05
C SER A 231 11.76 12.99 1.80
N GLN A 232 12.44 14.14 1.59
CA GLN A 232 12.23 14.95 0.39
C GLN A 232 12.89 14.23 -0.80
N GLU A 233 13.86 13.34 -0.49
CA GLU A 233 14.58 12.48 -1.43
C GLU A 233 13.67 11.36 -1.92
N GLY A 234 12.69 10.96 -1.10
CA GLY A 234 11.71 9.92 -1.42
C GLY A 234 11.89 8.61 -0.68
N LEU A 235 12.91 8.52 0.18
CA LEU A 235 13.20 7.32 0.97
C LEU A 235 12.33 7.29 2.20
N GLU A 236 12.21 6.10 2.82
CA GLU A 236 11.46 5.94 4.06
C GLU A 236 12.23 6.53 5.23
N LYS A 237 11.52 7.30 6.10
CA LYS A 237 12.13 7.91 7.28
C LYS A 237 12.60 6.80 8.25
N SER A 238 13.55 7.13 9.14
CA SER A 238 14.10 6.16 10.10
C SER A 238 13.03 5.70 11.11
N PRO A 239 13.10 4.46 11.65
CA PRO A 239 12.09 4.00 12.64
C PRO A 239 11.95 4.96 13.84
N GLU A 240 13.07 5.59 14.26
CA GLU A 240 13.11 6.57 15.36
C GLU A 240 12.38 7.88 14.96
N GLU A 241 12.49 8.27 13.67
CA GLU A 241 11.82 9.46 13.12
C GLU A 241 10.32 9.21 13.04
N ILE A 242 9.92 7.99 12.62
CA ILE A 242 8.51 7.58 12.50
C ILE A 242 7.88 7.48 13.92
N ARG A 243 8.69 7.03 14.91
CA ARG A 243 8.28 6.93 16.32
C ARG A 243 8.00 8.32 16.87
N HIS A 244 8.85 9.30 16.48
CA HIS A 244 8.71 10.70 16.89
C HIS A 244 7.44 11.30 16.28
N LEU A 245 7.15 10.95 15.03
CA LEU A 245 5.98 11.42 14.29
C LEU A 245 4.70 10.93 14.97
N PHE A 246 4.58 9.59 15.20
CA PHE A 246 3.43 8.98 15.87
C PHE A 246 3.18 9.62 17.24
N GLN A 247 4.26 9.92 17.99
CA GLN A 247 4.18 10.55 19.31
C GLN A 247 3.68 12.00 19.22
N GLU A 248 4.24 12.80 18.29
CA GLU A 248 3.90 14.21 18.02
C GLU A 248 2.44 14.36 17.54
N LYS A 249 1.92 13.37 16.80
CA LYS A 249 0.56 13.37 16.26
C LYS A 249 -0.46 12.85 17.29
N LYS A 250 0.05 12.34 18.44
CA LYS A 250 -0.68 11.79 19.60
C LYS A 250 -1.30 10.42 19.27
N VAL A 251 -0.43 9.50 18.79
CA VAL A 251 -0.75 8.11 18.43
C VAL A 251 0.09 7.21 19.34
N ASP A 252 -0.58 6.31 20.07
CA ASP A 252 0.08 5.39 20.99
C ASP A 252 0.22 4.03 20.33
N LEU A 253 1.46 3.69 19.92
CA LEU A 253 1.79 2.45 19.23
C LEU A 253 1.64 1.20 20.13
N SER A 254 1.34 1.41 21.42
CA SER A 254 1.10 0.36 22.41
C SER A 254 -0.39 0.01 22.44
N LYS A 255 -1.22 0.87 21.86
CA LYS A 255 -2.67 0.69 21.81
C LYS A 255 -3.08 0.37 20.38
N PRO A 256 -4.27 -0.27 20.14
CA PRO A 256 -4.67 -0.59 18.75
C PRO A 256 -4.78 0.62 17.80
N LEU A 257 -4.38 0.41 16.52
CA LEU A 257 -4.34 1.42 15.47
C LEU A 257 -4.87 0.89 14.12
N VAL A 258 -5.74 1.66 13.44
CA VAL A 258 -6.31 1.36 12.12
C VAL A 258 -6.02 2.56 11.21
N ALA A 259 -5.64 2.30 9.97
CA ALA A 259 -5.35 3.38 9.02
C ALA A 259 -6.45 3.51 7.97
N THR A 260 -6.71 4.75 7.55
CA THR A 260 -7.71 5.11 6.54
C THR A 260 -7.13 6.21 5.62
N CYS A 261 -7.80 6.47 4.48
CA CYS A 261 -7.43 7.54 3.53
C CYS A 261 -8.61 7.77 2.57
N GLY A 262 -8.32 8.15 1.32
CA GLY A 262 -9.31 8.42 0.30
C GLY A 262 -10.03 7.19 -0.17
N SER A 263 -9.26 6.13 -0.52
CA SER A 263 -9.76 4.86 -1.05
C SER A 263 -8.90 3.59 -0.63
N GLY A 264 -8.22 3.66 0.51
CA GLY A 264 -7.45 2.53 1.04
C GLY A 264 -6.08 2.25 0.45
N VAL A 265 -5.52 3.20 -0.34
CA VAL A 265 -4.21 3.03 -0.99
C VAL A 265 -3.08 3.53 -0.05
N THR A 266 -2.94 4.86 0.15
CA THR A 266 -1.87 5.48 0.95
C THR A 266 -1.98 5.18 2.46
N ALA A 267 -3.10 4.59 2.93
CA ALA A 267 -3.30 4.20 4.34
C ALA A 267 -2.27 3.17 4.77
N CYS A 268 -1.83 2.35 3.81
CA CYS A 268 -0.85 1.28 3.99
C CYS A 268 0.55 1.84 4.32
N HIS A 269 0.81 3.14 4.01
CA HIS A 269 2.04 3.85 4.40
C HIS A 269 2.09 3.98 5.94
N VAL A 270 0.92 4.19 6.58
CA VAL A 270 0.76 4.31 8.04
C VAL A 270 1.03 2.94 8.66
N ALA A 271 0.44 1.90 8.05
CA ALA A 271 0.61 0.51 8.48
C ALA A 271 2.06 0.07 8.35
N LEU A 272 2.76 0.57 7.30
CA LEU A 272 4.18 0.32 7.06
C LEU A 272 5.04 1.03 8.14
N GLY A 273 4.72 2.28 8.45
CA GLY A 273 5.43 3.09 9.45
C GLY A 273 5.39 2.46 10.82
N ALA A 274 4.22 1.96 11.21
CA ALA A 274 3.99 1.26 12.48
C ALA A 274 4.64 -0.13 12.45
N TYR A 275 4.70 -0.79 11.26
CA TYR A 275 5.35 -2.10 11.08
C TYR A 275 6.85 -1.96 11.35
N LEU A 276 7.50 -0.92 10.79
CA LEU A 276 8.94 -0.67 10.97
C LEU A 276 9.29 -0.24 12.41
N CYS A 277 8.27 -0.01 13.25
CA CYS A 277 8.39 0.39 14.64
C CYS A 277 8.06 -0.79 15.56
N GLY A 278 7.82 -1.97 14.99
CA GLY A 278 7.51 -3.19 15.74
C GLY A 278 6.05 -3.51 15.96
N LYS A 279 5.12 -2.75 15.31
CA LYS A 279 3.66 -2.98 15.42
C LYS A 279 3.10 -3.50 14.06
N PRO A 280 3.01 -4.85 13.85
CA PRO A 280 2.51 -5.36 12.56
C PRO A 280 0.98 -5.37 12.43
N ASP A 281 0.25 -5.35 13.55
CA ASP A 281 -1.21 -5.38 13.56
C ASP A 281 -1.78 -3.97 13.42
N VAL A 282 -1.84 -3.49 12.17
CA VAL A 282 -2.44 -2.19 11.83
C VAL A 282 -3.40 -2.44 10.65
N PRO A 283 -4.67 -2.78 10.97
CA PRO A 283 -5.66 -3.01 9.90
C PRO A 283 -5.90 -1.77 9.06
N ILE A 284 -6.47 -1.96 7.86
CA ILE A 284 -6.78 -0.86 6.95
C ILE A 284 -8.28 -0.84 6.72
N TYR A 285 -8.88 0.36 6.77
CA TYR A 285 -10.27 0.57 6.39
C TYR A 285 -10.25 0.73 4.87
N ASP A 286 -10.42 -0.41 4.19
CA ASP A 286 -10.38 -0.57 2.74
C ASP A 286 -11.33 0.41 2.03
N GLY A 287 -12.55 0.52 2.53
CA GLY A 287 -13.58 1.38 1.97
C GLY A 287 -13.18 2.85 2.01
N SER A 288 -12.54 3.26 3.11
CA SER A 288 -11.97 4.57 3.36
C SER A 288 -12.98 5.72 3.16
N TRP A 289 -12.48 6.96 2.89
CA TRP A 289 -13.30 8.17 2.78
C TRP A 289 -14.44 8.07 1.77
N VAL A 290 -14.19 7.53 0.55
CA VAL A 290 -15.24 7.43 -0.48
C VAL A 290 -16.43 6.62 0.05
N GLU A 291 -16.18 5.44 0.68
CA GLU A 291 -17.25 4.63 1.23
C GLU A 291 -17.93 5.34 2.40
N TRP A 292 -17.13 5.98 3.29
CA TRP A 292 -17.67 6.71 4.43
C TRP A 292 -18.56 7.84 3.96
N TYR A 293 -18.08 8.62 2.99
CA TYR A 293 -18.87 9.74 2.48
C TYR A 293 -20.19 9.23 1.88
N MET A 294 -20.15 8.12 1.14
CA MET A 294 -21.33 7.48 0.53
C MET A 294 -22.33 6.96 1.57
N ARG A 295 -21.85 6.18 2.55
CA ARG A 295 -22.73 5.52 3.51
C ARG A 295 -23.07 6.36 4.74
N ALA A 296 -22.12 7.15 5.30
CA ALA A 296 -22.43 7.99 6.46
C ALA A 296 -23.09 9.30 6.04
N ARG A 297 -22.85 9.73 4.78
CA ARG A 297 -23.39 10.95 4.16
C ARG A 297 -23.15 12.21 5.03
N PRO A 298 -21.89 12.56 5.42
CA PRO A 298 -21.70 13.78 6.22
C PRO A 298 -22.23 14.99 5.45
N GLU A 299 -23.01 15.85 6.12
CA GLU A 299 -23.67 17.00 5.48
C GLU A 299 -22.85 18.28 5.60
N ASP A 300 -21.73 18.22 6.36
CA ASP A 300 -20.68 19.20 6.64
C ASP A 300 -20.07 18.93 8.03
S SO4 B . -13.45 -11.52 -6.63
O1 SO4 B . -14.44 -10.45 -6.80
O2 SO4 B . -13.43 -12.32 -7.85
O3 SO4 B . -12.11 -10.98 -6.34
O4 SO4 B . -13.86 -12.36 -5.51
S SO4 C . -6.04 7.33 -1.44
O1 SO4 C . -5.76 8.26 -0.33
O2 SO4 C . -6.98 7.97 -2.41
O3 SO4 C . -6.57 6.09 -0.92
O4 SO4 C . -4.82 7.06 -2.15
NA NA D . -10.94 -9.81 -14.72
#